data_3Q0I
#
_entry.id   3Q0I
#
_cell.length_a   66.692
_cell.length_b   66.692
_cell.length_c   183.782
_cell.angle_alpha   90.000
_cell.angle_beta   90.000
_cell.angle_gamma   90.000
#
_symmetry.space_group_name_H-M   'P 41 21 2'
#
loop_
_entity.id
_entity.type
_entity.pdbx_description
1 polymer 'Methionyl-tRNA formyltransferase'
2 non-polymer 'SULFATE ION'
3 non-polymer GLYCEROL
4 water water
#
_entity_poly.entity_id   1
_entity_poly.type   'polypeptide(L)'
_entity_poly.pdbx_seq_one_letter_code
;SNA(MSE)SQSLRIVFAGTPDFAARHLAALLSSEHEIIAVYTQPERPAGRGKKLTASPVKTLALEHNVPVYQPENFKSDE
SKQQLAALNADL(MSE)VVVAYGLLLPKVVLDTPKLGCINVHGSILPRWRGAAPIQRSIWAGDSETGVTI(MSE)Q
(MSE)DVGLDTGD(MSE)LKIATLPIEASDTSAS(MSE)YDKLAELGPQALLECLQDIAQGTAVAVKQDDGLANYAHKLS
KEEARINWSDAATHIERCIRAFNPWP(MSE)SHFEVAENSIKVWQARVETRAVTQTPGTIIQADKSGIYVATGQDVLVLE
SLQIPGKKALPVQDILNARADWFSVGSQLS
;
_entity_poly.pdbx_strand_id   A
#
loop_
_chem_comp.id
_chem_comp.type
_chem_comp.name
_chem_comp.formula
GOL non-polymer GLYCEROL 'C3 H8 O3'
SO4 non-polymer 'SULFATE ION' 'O4 S -2'
#
# COMPACT_ATOMS: atom_id res chain seq x y z
N SER A 7 26.82 16.93 -2.73
CA SER A 7 25.81 16.34 -3.67
C SER A 7 26.21 14.89 -3.93
N LEU A 8 25.32 13.98 -3.49
CA LEU A 8 25.53 12.55 -3.64
C LEU A 8 25.24 12.16 -5.10
N ARG A 9 26.05 11.25 -5.64
CA ARG A 9 25.80 10.65 -6.93
C ARG A 9 24.80 9.51 -6.67
N ILE A 10 23.55 9.74 -6.96
CA ILE A 10 22.50 8.76 -6.60
C ILE A 10 22.01 8.01 -7.82
N VAL A 11 21.92 6.68 -7.71
CA VAL A 11 21.15 5.86 -8.64
C VAL A 11 19.75 5.64 -8.03
N PHE A 12 18.72 5.87 -8.82
CA PHE A 12 17.37 5.62 -8.38
C PHE A 12 16.84 4.37 -9.04
N ALA A 13 16.28 3.44 -8.23
CA ALA A 13 15.67 2.18 -8.73
C ALA A 13 14.20 2.08 -8.30
N GLY A 14 13.33 1.85 -9.25
CA GLY A 14 11.87 1.81 -8.93
C GLY A 14 11.05 1.82 -10.18
N THR A 15 9.76 1.43 -10.07
CA THR A 15 8.95 1.17 -11.24
C THR A 15 7.64 1.95 -11.29
N PRO A 16 6.72 1.75 -10.31
CA PRO A 16 5.38 2.33 -10.49
C PRO A 16 5.25 3.77 -9.99
N ASP A 17 4.03 4.29 -9.98
CA ASP A 17 3.77 5.64 -9.48
C ASP A 17 4.40 6.01 -8.13
N PHE A 18 4.32 5.12 -7.14
CA PHE A 18 4.88 5.42 -5.83
C PHE A 18 6.38 5.73 -5.94
N ALA A 19 7.08 4.97 -6.76
CA ALA A 19 8.52 5.25 -7.06
C ALA A 19 8.68 6.58 -7.82
N ALA A 20 7.84 6.84 -8.81
CA ALA A 20 7.97 8.04 -9.59
C ALA A 20 7.88 9.27 -8.70
N ARG A 21 7.01 9.23 -7.67
CA ARG A 21 6.93 10.40 -6.77
C ARG A 21 8.23 10.72 -6.04
N HIS A 22 8.98 9.68 -5.68
CA HIS A 22 10.25 9.85 -5.02
C HIS A 22 11.31 10.37 -5.99
N LEU A 23 11.34 9.81 -7.21
CA LEU A 23 12.32 10.25 -8.23
C LEU A 23 12.05 11.71 -8.53
N ALA A 24 10.77 12.08 -8.66
CA ALA A 24 10.41 13.47 -8.93
C ALA A 24 10.97 14.37 -7.85
N ALA A 25 10.85 13.97 -6.59
CA ALA A 25 11.35 14.80 -5.47
C ALA A 25 12.85 14.94 -5.51
N LEU A 26 13.54 13.85 -5.87
CA LEU A 26 14.99 13.84 -6.00
C LEU A 26 15.48 14.72 -7.17
N LEU A 27 14.78 14.68 -8.29
CA LEU A 27 15.17 15.51 -9.45
C LEU A 27 14.99 17.01 -9.13
N SER A 28 14.02 17.37 -8.32
N SER A 28 13.92 17.28 -8.39
CA SER A 28 13.93 18.76 -7.87
CA SER A 28 13.38 18.60 -8.11
C SER A 28 14.84 19.05 -6.65
C SER A 28 14.16 19.41 -7.10
N SER A 29 15.77 18.16 -6.34
N SER A 29 14.82 18.72 -6.19
CA SER A 29 16.69 18.38 -5.24
CA SER A 29 15.74 19.37 -5.28
C SER A 29 18.14 18.58 -5.65
C SER A 29 17.13 19.32 -5.89
N GLU A 30 19.00 18.72 -4.62
N GLU A 30 18.12 19.23 -5.04
CA GLU A 30 20.44 19.05 -4.77
CA GLU A 30 19.51 19.28 -5.48
C GLU A 30 21.33 17.92 -5.30
C GLU A 30 19.87 18.28 -6.61
N HIS A 31 20.85 16.68 -5.18
N HIS A 31 19.34 17.08 -6.50
CA HIS A 31 21.68 15.51 -5.49
CA HIS A 31 20.18 15.91 -6.58
C HIS A 31 21.63 15.19 -6.97
C HIS A 31 20.80 15.51 -7.88
N GLU A 32 22.69 14.57 -7.48
N GLU A 32 21.93 14.83 -7.74
CA GLU A 32 22.79 14.25 -8.90
CA GLU A 32 22.65 14.31 -8.89
C GLU A 32 22.20 12.90 -9.09
N ILE A 33 21.17 12.77 -9.93
CA ILE A 33 20.64 11.46 -10.31
C ILE A 33 21.37 10.98 -11.56
N ILE A 34 22.28 10.07 -11.38
CA ILE A 34 23.16 9.66 -12.45
C ILE A 34 22.63 8.57 -13.35
N ALA A 35 21.64 7.83 -12.83
CA ALA A 35 21.02 6.76 -13.58
C ALA A 35 19.74 6.38 -12.89
N VAL A 36 18.85 5.78 -13.68
CA VAL A 36 17.61 5.22 -13.19
C VAL A 36 17.54 3.74 -13.60
N TYR A 37 17.12 2.89 -12.66
CA TYR A 37 16.88 1.48 -12.89
C TYR A 37 15.37 1.29 -12.74
N THR A 38 14.77 0.61 -13.70
CA THR A 38 13.35 0.38 -13.67
C THR A 38 13.01 -0.91 -14.44
N GLN A 39 11.74 -1.27 -14.44
CA GLN A 39 11.27 -2.45 -15.15
CA GLN A 39 11.28 -2.45 -15.16
C GLN A 39 10.18 -2.05 -16.15
N PRO A 40 10.01 -2.83 -17.24
CA PRO A 40 8.85 -2.52 -18.09
C PRO A 40 7.53 -2.96 -17.44
N GLU A 41 6.41 -2.49 -18.01
CA GLU A 41 5.03 -2.86 -17.57
C GLU A 41 4.42 -3.87 -18.56
N THR A 51 5.27 -1.30 -22.39
CA THR A 51 5.09 0.03 -21.82
C THR A 51 6.27 0.45 -20.89
N ALA A 52 6.72 1.69 -21.13
CA ALA A 52 7.54 2.47 -20.19
C ALA A 52 6.83 2.72 -18.84
N SER A 53 7.51 2.39 -17.74
CA SER A 53 7.05 2.70 -16.43
C SER A 53 7.01 4.23 -16.24
N PRO A 54 6.23 4.72 -15.27
CA PRO A 54 6.20 6.15 -14.94
C PRO A 54 7.60 6.65 -14.56
N VAL A 55 8.36 5.77 -13.94
CA VAL A 55 9.75 6.09 -13.54
C VAL A 55 10.59 6.33 -14.79
N LYS A 56 10.52 5.40 -15.76
CA LYS A 56 11.19 5.55 -17.07
C LYS A 56 10.85 6.86 -17.78
N THR A 57 9.56 7.19 -17.84
CA THR A 57 9.14 8.40 -18.52
C THR A 57 9.73 9.65 -17.87
N LEU A 58 9.73 9.71 -16.53
CA LEU A 58 10.33 10.84 -15.79
C LEU A 58 11.83 10.99 -16.03
N ALA A 59 12.54 9.86 -15.94
CA ALA A 59 13.95 9.79 -16.29
C ALA A 59 14.28 10.34 -17.67
N LEU A 60 13.53 9.91 -18.69
CA LEU A 60 13.71 10.42 -20.03
C LEU A 60 13.54 11.92 -20.16
N GLU A 61 12.53 12.47 -19.45
CA GLU A 61 12.24 13.88 -19.53
CA GLU A 61 12.22 13.90 -19.50
C GLU A 61 13.40 14.71 -19.02
N HIS A 62 14.22 14.10 -18.16
CA HIS A 62 15.44 14.73 -17.62
C HIS A 62 16.76 14.21 -18.19
N ASN A 63 16.70 13.53 -19.33
CA ASN A 63 17.90 13.02 -20.00
C ASN A 63 18.78 12.16 -19.06
N VAL A 64 18.13 11.39 -18.17
CA VAL A 64 18.84 10.51 -17.23
C VAL A 64 18.94 9.09 -17.85
N PRO A 65 20.14 8.50 -17.89
CA PRO A 65 20.26 7.13 -18.42
C PRO A 65 19.35 6.16 -17.71
N VAL A 66 18.71 5.27 -18.47
CA VAL A 66 17.81 4.28 -17.94
C VAL A 66 18.37 2.86 -18.15
N TYR A 67 18.40 2.07 -17.09
CA TYR A 67 18.81 0.66 -17.15
C TYR A 67 17.64 -0.23 -16.74
N GLN A 68 17.47 -1.36 -17.43
CA GLN A 68 16.35 -2.27 -17.15
C GLN A 68 16.80 -3.72 -17.09
N PRO A 69 17.72 -4.06 -16.17
CA PRO A 69 17.98 -5.53 -16.08
C PRO A 69 16.78 -6.33 -15.50
N GLU A 70 16.77 -7.63 -15.84
CA GLU A 70 15.72 -8.56 -15.38
CA GLU A 70 15.71 -8.54 -15.38
C GLU A 70 16.02 -8.98 -13.95
N ASN A 71 17.32 -9.10 -13.65
CA ASN A 71 17.77 -9.43 -12.30
C ASN A 71 19.26 -9.15 -12.19
N PHE A 72 19.81 -9.35 -10.99
CA PHE A 72 21.24 -9.10 -10.74
C PHE A 72 22.07 -10.40 -10.65
N LYS A 73 21.57 -11.47 -11.27
CA LYS A 73 22.32 -12.73 -11.33
C LYS A 73 23.59 -12.68 -12.21
N SER A 74 23.53 -12.07 -13.39
CA SER A 74 24.68 -12.01 -14.30
C SER A 74 25.82 -11.10 -13.80
N ASP A 75 27.06 -11.42 -14.15
CA ASP A 75 28.21 -10.57 -13.82
C ASP A 75 28.15 -9.24 -14.50
N GLU A 76 27.70 -9.26 -15.75
CA GLU A 76 27.45 -8.07 -16.57
C GLU A 76 26.54 -7.04 -15.86
N SER A 77 25.47 -7.50 -15.22
CA SER A 77 24.54 -6.62 -14.53
C SER A 77 25.20 -5.95 -13.31
N LYS A 78 26.04 -6.70 -12.58
CA LYS A 78 26.69 -6.18 -11.39
C LYS A 78 27.77 -5.15 -11.78
N GLN A 79 28.47 -5.46 -12.86
CA GLN A 79 29.55 -4.64 -13.38
CA GLN A 79 29.57 -4.60 -13.30
C GLN A 79 29.07 -3.32 -13.97
N GLN A 80 27.93 -3.37 -14.64
CA GLN A 80 27.30 -2.20 -15.22
C GLN A 80 26.92 -1.22 -14.10
N LEU A 81 26.40 -1.77 -13.00
CA LEU A 81 26.08 -0.95 -11.83
C LEU A 81 27.34 -0.37 -11.21
N ALA A 82 28.38 -1.20 -11.06
CA ALA A 82 29.62 -0.75 -10.44
C ALA A 82 30.26 0.39 -11.20
N ALA A 83 30.13 0.37 -12.53
CA ALA A 83 30.80 1.34 -13.38
C ALA A 83 30.15 2.72 -13.29
N LEU A 84 29.01 2.81 -12.60
CA LEU A 84 28.37 4.10 -12.42
C LEU A 84 29.00 4.90 -11.31
N ASN A 85 29.77 4.23 -10.46
CA ASN A 85 30.43 4.88 -9.32
C ASN A 85 29.48 5.66 -8.48
N ALA A 86 28.40 4.98 -8.09
CA ALA A 86 27.36 5.61 -7.31
C ALA A 86 27.77 5.77 -5.82
N ASP A 87 27.42 6.90 -5.23
CA ASP A 87 27.50 7.08 -3.79
C ASP A 87 26.40 6.40 -3.04
N LEU A 88 25.22 6.29 -3.66
CA LEU A 88 24.08 5.72 -2.96
C LEU A 88 23.10 5.23 -3.98
N MSE A 89 22.39 4.15 -3.67
CA MSE A 89 21.25 3.83 -4.50
C MSE A 89 19.98 3.95 -3.65
O MSE A 89 19.92 3.46 -2.56
CB MSE A 89 21.34 2.43 -5.14
CG MSE A 89 20.11 2.09 -6.10
SE MSE A 89 20.59 0.68 -7.46
CE MSE A 89 20.51 -0.55 -6.15
N VAL A 90 19.00 4.67 -4.17
CA VAL A 90 17.71 4.81 -3.50
C VAL A 90 16.75 3.90 -4.25
N VAL A 91 16.07 3.01 -3.53
CA VAL A 91 15.25 1.95 -4.10
C VAL A 91 13.83 2.11 -3.56
N VAL A 92 12.84 2.26 -4.45
CA VAL A 92 11.44 2.40 -4.01
C VAL A 92 10.59 1.59 -4.96
N ALA A 93 9.87 0.60 -4.43
CA ALA A 93 8.93 -0.20 -5.24
C ALA A 93 9.58 -0.77 -6.50
N TYR A 94 10.65 -1.55 -6.28
CA TYR A 94 11.49 -2.09 -7.32
C TYR A 94 11.47 -3.57 -7.04
N GLY A 95 11.15 -4.35 -8.04
CA GLY A 95 10.89 -5.78 -7.82
C GLY A 95 12.10 -6.70 -7.74
N LEU A 96 13.31 -6.21 -8.09
CA LEU A 96 14.51 -7.08 -8.12
C LEU A 96 15.03 -7.40 -6.71
N LEU A 97 15.41 -8.66 -6.49
CA LEU A 97 16.18 -9.00 -5.30
C LEU A 97 17.57 -8.39 -5.48
N LEU A 98 18.06 -7.78 -4.42
CA LEU A 98 19.37 -7.15 -4.48
C LEU A 98 20.30 -8.04 -3.64
N PRO A 99 21.22 -8.75 -4.30
CA PRO A 99 22.14 -9.52 -3.47
C PRO A 99 23.12 -8.64 -2.69
N LYS A 100 23.79 -9.21 -1.69
CA LYS A 100 24.78 -8.46 -0.86
C LYS A 100 25.76 -7.61 -1.67
N VAL A 101 26.31 -8.17 -2.74
CA VAL A 101 27.35 -7.48 -3.52
CA VAL A 101 27.35 -7.48 -3.52
C VAL A 101 26.77 -6.21 -4.17
N VAL A 102 25.51 -6.32 -4.62
CA VAL A 102 24.80 -5.16 -5.20
C VAL A 102 24.48 -4.16 -4.10
N LEU A 103 23.92 -4.63 -2.98
CA LEU A 103 23.68 -3.77 -1.83
C LEU A 103 24.92 -2.97 -1.44
N ASP A 104 26.09 -3.62 -1.58
CA ASP A 104 27.35 -3.01 -1.20
C ASP A 104 28.06 -2.28 -2.32
N THR A 105 27.47 -2.23 -3.52
CA THR A 105 28.13 -1.57 -4.64
C THR A 105 28.21 -0.06 -4.46
N PRO A 106 27.11 0.62 -4.15
CA PRO A 106 27.28 2.06 -3.93
C PRO A 106 28.08 2.34 -2.65
N LYS A 107 28.81 3.44 -2.64
CA LYS A 107 29.71 3.71 -1.51
C LYS A 107 28.92 3.65 -0.20
N LEU A 108 27.71 4.24 -0.17
CA LEU A 108 26.85 4.24 1.05
C LEU A 108 25.72 3.22 1.07
N GLY A 109 25.77 2.25 0.19
CA GLY A 109 24.80 1.20 0.19
C GLY A 109 23.51 1.62 -0.52
N CYS A 110 22.43 0.94 -0.13
CA CYS A 110 21.12 1.10 -0.78
C CYS A 110 20.11 1.42 0.31
N ILE A 111 19.32 2.48 0.10
CA ILE A 111 18.27 2.82 1.05
CA ILE A 111 18.28 2.90 1.04
C ILE A 111 16.92 2.67 0.39
N ASN A 112 15.93 2.25 1.18
CA ASN A 112 14.58 1.93 0.68
C ASN A 112 13.55 2.81 1.38
N VAL A 113 12.46 3.14 0.71
CA VAL A 113 11.32 3.77 1.38
C VAL A 113 10.27 2.67 1.45
N HIS A 114 9.95 2.27 2.69
CA HIS A 114 8.95 1.25 2.96
C HIS A 114 7.70 1.85 3.60
N GLY A 115 6.53 1.48 3.08
CA GLY A 115 5.22 2.06 3.48
C GLY A 115 4.59 1.47 4.74
N SER A 116 5.40 1.32 5.80
CA SER A 116 4.91 1.04 7.11
C SER A 116 5.83 1.62 8.16
N ILE A 117 5.42 1.52 9.43
CA ILE A 117 6.31 1.75 10.58
C ILE A 117 6.96 0.42 10.92
N LEU A 118 8.13 0.22 10.33
CA LEU A 118 8.88 -1.00 10.56
C LEU A 118 9.17 -1.10 12.08
N PRO A 119 9.25 -2.31 12.60
CA PRO A 119 9.28 -3.62 11.95
C PRO A 119 7.92 -4.25 11.61
N ARG A 120 6.84 -3.52 11.83
CA ARG A 120 5.55 -4.03 11.52
C ARG A 120 5.37 -3.92 10.00
N TRP A 121 4.66 -4.90 9.44
CA TRP A 121 4.28 -4.94 8.04
C TRP A 121 5.48 -4.88 7.13
N ARG A 122 6.47 -5.72 7.42
CA ARG A 122 7.44 -6.07 6.40
C ARG A 122 6.68 -6.69 5.17
N GLY A 123 7.26 -6.55 4.00
CA GLY A 123 6.69 -7.23 2.82
C GLY A 123 5.80 -6.39 1.92
N ALA A 124 4.89 -7.09 1.23
CA ALA A 124 4.31 -6.58 0.01
C ALA A 124 3.09 -5.66 0.14
N ALA A 125 2.27 -5.81 1.16
CA ALA A 125 0.97 -5.09 1.26
C ALA A 125 0.82 -4.28 2.55
N PRO A 126 1.80 -3.47 2.89
CA PRO A 126 1.78 -2.83 4.23
C PRO A 126 0.70 -1.80 4.37
N ILE A 127 0.44 -1.00 3.34
CA ILE A 127 -0.63 0.00 3.49
C ILE A 127 -1.97 -0.69 3.75
N GLN A 128 -2.32 -1.66 2.92
CA GLN A 128 -3.60 -2.37 3.03
C GLN A 128 -3.74 -3.12 4.34
N ARG A 129 -2.65 -3.77 4.80
CA ARG A 129 -2.76 -4.55 6.01
C ARG A 129 -2.87 -3.67 7.23
N SER A 130 -2.20 -2.50 7.25
CA SER A 130 -2.30 -1.58 8.41
C SER A 130 -3.77 -1.17 8.63
N ILE A 131 -4.46 -0.94 7.51
CA ILE A 131 -5.87 -0.54 7.57
C ILE A 131 -6.75 -1.72 7.96
N TRP A 132 -6.52 -2.86 7.31
CA TRP A 132 -7.24 -4.11 7.58
C TRP A 132 -7.15 -4.52 9.05
N ALA A 133 -5.97 -4.36 9.65
CA ALA A 133 -5.78 -4.77 11.06
C ALA A 133 -6.32 -3.74 12.09
N GLY A 134 -6.69 -2.57 11.61
CA GLY A 134 -7.14 -1.46 12.48
C GLY A 134 -6.06 -0.78 13.28
N ASP A 135 -4.86 -0.68 12.71
CA ASP A 135 -3.82 0.08 13.34
C ASP A 135 -4.27 1.56 13.50
N SER A 136 -3.80 2.20 14.57
CA SER A 136 -4.20 3.57 14.85
C SER A 136 -3.36 4.55 14.04
N GLU A 137 -2.20 4.09 13.62
CA GLU A 137 -1.33 4.90 12.76
C GLU A 137 -0.50 4.02 11.82
N THR A 138 0.10 4.67 10.84
CA THR A 138 1.07 4.00 10.02
C THR A 138 2.05 5.05 9.60
N GLY A 139 2.79 4.80 8.53
CA GLY A 139 3.80 5.71 8.10
C GLY A 139 4.73 5.16 7.08
N VAL A 140 5.88 5.83 6.94
CA VAL A 140 6.97 5.40 6.08
C VAL A 140 8.25 5.23 6.93
N THR A 141 9.06 4.22 6.57
CA THR A 141 10.35 4.03 7.12
C THR A 141 11.37 4.11 6.03
N ILE A 142 12.43 4.88 6.27
CA ILE A 142 13.60 4.94 5.41
C ILE A 142 14.56 3.93 6.02
N MSE A 143 14.88 2.94 5.24
CA MSE A 143 15.64 1.78 5.71
C MSE A 143 16.92 1.59 4.94
O MSE A 143 16.98 1.76 3.72
CB MSE A 143 14.75 0.55 5.61
CG MSE A 143 15.38 -0.82 5.93
SE MSE A 143 14.18 -2.29 5.62
CE MSE A 143 13.93 -1.98 3.77
N GLN A 144 18.00 1.29 5.68
CA GLN A 144 19.22 0.83 5.08
C GLN A 144 19.01 -0.62 4.68
N MSE A 145 19.04 -0.91 3.39
CA MSE A 145 18.72 -2.27 2.97
C MSE A 145 19.85 -3.26 3.38
O MSE A 145 21.05 -2.97 3.19
CB MSE A 145 18.53 -2.34 1.49
CG MSE A 145 17.31 -1.58 1.01
SE MSE A 145 17.04 -1.63 -0.90
CE MSE A 145 16.38 -3.45 -0.93
N ASP A 146 19.43 -4.45 3.81
CA ASP A 146 20.35 -5.53 4.24
C ASP A 146 19.79 -6.77 3.57
N VAL A 147 20.51 -7.89 3.70
CA VAL A 147 20.06 -9.15 3.16
C VAL A 147 18.80 -9.58 3.93
N GLY A 148 17.73 -9.97 3.21
CA GLY A 148 16.51 -10.42 3.88
C GLY A 148 15.33 -9.51 3.50
N LEU A 149 14.14 -9.93 3.80
CA LEU A 149 12.96 -9.18 3.43
C LEU A 149 12.71 -8.07 4.43
N ASP A 150 13.04 -6.86 4.04
CA ASP A 150 12.72 -5.68 4.85
C ASP A 150 13.25 -5.81 6.30
N THR A 151 14.51 -6.25 6.44
CA THR A 151 15.16 -6.50 7.74
C THR A 151 16.20 -5.43 8.15
N GLY A 152 16.47 -4.53 7.25
CA GLY A 152 17.53 -3.55 7.43
C GLY A 152 17.25 -2.48 8.47
N ASP A 153 18.34 -1.85 8.92
CA ASP A 153 18.23 -0.89 9.99
C ASP A 153 17.39 0.31 9.55
N MSE A 154 16.74 0.91 10.52
CA MSE A 154 15.84 2.01 10.28
C MSE A 154 16.57 3.35 10.50
O MSE A 154 17.18 3.55 11.58
CB MSE A 154 14.64 1.89 11.20
CG MSE A 154 13.93 0.57 11.11
SE MSE A 154 12.56 0.29 12.43
CE MSE A 154 13.71 0.20 13.97
N LEU A 155 16.54 4.22 9.50
CA LEU A 155 17.17 5.52 9.59
C LEU A 155 16.21 6.64 9.95
N LYS A 156 14.95 6.50 9.53
CA LYS A 156 13.97 7.52 9.79
C LYS A 156 12.60 6.96 9.68
N ILE A 157 11.73 7.35 10.60
CA ILE A 157 10.31 7.02 10.53
C ILE A 157 9.44 8.25 10.56
N ALA A 158 8.48 8.33 9.65
CA ALA A 158 7.50 9.44 9.70
C ALA A 158 6.11 8.82 9.80
N THR A 159 5.29 9.29 10.74
CA THR A 159 4.01 8.63 10.96
C THR A 159 2.83 9.54 10.67
N LEU A 160 1.68 8.91 10.48
CA LEU A 160 0.39 9.58 10.25
CA LEU A 160 0.43 9.63 10.43
C LEU A 160 -0.70 8.74 10.89
N PRO A 161 -1.77 9.37 11.41
CA PRO A 161 -2.91 8.56 11.84
C PRO A 161 -3.69 7.93 10.69
N ILE A 162 -4.25 6.75 10.93
CA ILE A 162 -5.19 6.15 10.03
C ILE A 162 -6.56 6.69 10.43
N GLU A 163 -7.19 7.44 9.54
CA GLU A 163 -8.49 8.03 9.88
CA GLU A 163 -8.50 8.05 9.83
C GLU A 163 -9.58 7.01 9.64
N ALA A 164 -10.70 7.21 10.31
CA ALA A 164 -11.82 6.30 10.23
C ALA A 164 -12.31 6.20 8.79
N SER A 165 -12.12 7.25 7.98
CA SER A 165 -12.51 7.23 6.56
C SER A 165 -11.44 6.76 5.58
N ASP A 166 -10.25 6.42 6.08
CA ASP A 166 -9.14 6.06 5.18
C ASP A 166 -9.36 4.71 4.53
N THR A 167 -9.08 4.67 3.23
CA THR A 167 -9.04 3.45 2.43
C THR A 167 -7.58 3.21 2.06
N SER A 168 -7.28 2.06 1.45
CA SER A 168 -5.91 1.89 0.95
C SER A 168 -5.61 2.96 -0.14
N ALA A 169 -6.62 3.39 -0.88
CA ALA A 169 -6.43 4.48 -1.88
C ALA A 169 -6.04 5.81 -1.26
N SER A 170 -6.80 6.24 -0.27
CA SER A 170 -6.54 7.54 0.35
C SER A 170 -5.27 7.48 1.16
N MSE A 171 -4.96 6.31 1.77
CA MSE A 171 -3.72 6.24 2.54
C MSE A 171 -2.49 6.19 1.63
O MSE A 171 -1.44 6.76 1.93
CB MSE A 171 -3.71 5.01 3.49
CG MSE A 171 -2.50 4.99 4.44
SE MSE A 171 -1.90 6.53 5.37
CE MSE A 171 -3.53 6.53 6.41
N TYR A 172 -2.61 5.47 0.52
CA TYR A 172 -1.57 5.46 -0.50
C TYR A 172 -1.25 6.92 -0.91
N ASP A 173 -2.30 7.72 -1.16
CA ASP A 173 -2.11 9.11 -1.60
C ASP A 173 -1.32 9.90 -0.58
N LYS A 174 -1.63 9.74 0.71
CA LYS A 174 -0.89 10.39 1.77
C LYS A 174 0.57 9.92 1.90
N LEU A 175 0.78 8.62 1.83
CA LEU A 175 2.14 8.11 1.93
C LEU A 175 2.97 8.41 0.69
N ALA A 176 2.32 8.63 -0.45
CA ALA A 176 3.06 9.02 -1.67
C ALA A 176 3.57 10.46 -1.56
N GLU A 177 3.02 11.24 -0.63
CA GLU A 177 3.56 12.55 -0.26
C GLU A 177 4.57 12.50 0.90
N LEU A 178 4.25 11.73 1.92
CA LEU A 178 5.05 11.63 3.14
C LEU A 178 6.44 10.95 2.85
N GLY A 179 6.41 9.91 2.05
CA GLY A 179 7.59 9.16 1.66
C GLY A 179 8.69 10.03 1.09
N PRO A 180 8.38 10.83 0.05
CA PRO A 180 9.42 11.68 -0.52
C PRO A 180 9.95 12.74 0.44
N GLN A 181 9.08 13.31 1.27
CA GLN A 181 9.46 14.30 2.24
C GLN A 181 10.42 13.69 3.26
N ALA A 182 10.10 12.49 3.74
CA ALA A 182 10.95 11.79 4.70
C ALA A 182 12.30 11.39 4.09
N LEU A 183 12.26 10.89 2.86
CA LEU A 183 13.45 10.51 2.12
C LEU A 183 14.42 11.67 2.01
N LEU A 184 13.91 12.81 1.54
CA LEU A 184 14.79 13.97 1.34
C LEU A 184 15.40 14.43 2.69
N GLU A 185 14.62 14.40 3.77
CA GLU A 185 15.13 14.76 5.10
C GLU A 185 16.21 13.79 5.53
N CYS A 186 15.96 12.50 5.35
CA CYS A 186 16.96 11.49 5.64
C CYS A 186 18.23 11.68 4.79
N LEU A 187 18.07 11.95 3.48
CA LEU A 187 19.23 12.15 2.60
C LEU A 187 20.12 13.32 3.02
N GLN A 188 19.52 14.40 3.53
CA GLN A 188 20.32 15.51 4.02
CA GLN A 188 20.26 15.54 4.10
C GLN A 188 21.14 15.08 5.25
N ASP A 189 20.54 14.27 6.12
CA ASP A 189 21.25 13.72 7.31
C ASP A 189 22.43 12.86 6.87
N ILE A 190 22.21 12.01 5.88
CA ILE A 190 23.29 11.18 5.36
C ILE A 190 24.43 12.06 4.80
N ALA A 191 24.07 13.03 3.97
CA ALA A 191 25.06 13.91 3.30
C ALA A 191 25.90 14.62 4.34
N GLN A 192 25.27 15.01 5.43
CA GLN A 192 25.91 15.77 6.49
C GLN A 192 26.59 14.91 7.56
N GLY A 193 26.44 13.58 7.51
CA GLY A 193 27.04 12.69 8.51
C GLY A 193 26.35 12.78 9.85
N THR A 194 25.03 12.91 9.86
CA THR A 194 24.26 12.95 11.08
C THR A 194 23.15 11.91 11.16
N ALA A 195 23.10 10.98 10.21
CA ALA A 195 22.07 9.91 10.23
C ALA A 195 22.36 8.94 11.38
N VAL A 196 21.33 8.29 11.93
CA VAL A 196 21.48 7.34 12.99
C VAL A 196 20.67 6.07 12.58
N ALA A 197 21.33 4.92 12.57
CA ALA A 197 20.68 3.64 12.24
C ALA A 197 20.18 2.96 13.49
N VAL A 198 18.92 2.46 13.46
CA VAL A 198 18.34 1.72 14.56
C VAL A 198 18.00 0.32 14.09
N LYS A 199 18.56 -0.67 14.78
CA LYS A 199 18.34 -2.07 14.44
C LYS A 199 16.93 -2.49 14.73
N GLN A 200 16.29 -3.16 13.78
CA GLN A 200 14.94 -3.65 14.02
C GLN A 200 14.94 -4.75 15.06
N ASP A 201 13.90 -4.78 15.88
CA ASP A 201 13.65 -5.89 16.79
C ASP A 201 12.73 -6.93 16.08
N ASP A 202 13.32 -8.03 15.64
CA ASP A 202 12.60 -9.19 15.07
C ASP A 202 11.37 -9.62 15.86
N GLY A 203 11.43 -9.56 17.19
CA GLY A 203 10.25 -9.97 17.98
C GLY A 203 9.02 -9.12 17.82
N LEU A 204 9.14 -7.91 17.26
CA LEU A 204 7.96 -7.10 17.03
C LEU A 204 7.56 -7.06 15.53
N ALA A 205 8.27 -7.81 14.71
CA ALA A 205 8.05 -7.76 13.26
C ALA A 205 6.91 -8.67 12.88
N ASN A 206 6.23 -8.30 11.79
CA ASN A 206 5.33 -9.22 11.11
C ASN A 206 5.29 -8.87 9.61
N TYR A 207 4.52 -9.62 8.85
CA TYR A 207 4.54 -9.56 7.38
C TYR A 207 3.14 -9.25 6.88
N ALA A 208 3.11 -8.35 5.89
CA ALA A 208 1.89 -7.91 5.26
C ALA A 208 1.68 -8.77 4.01
N HIS A 209 0.88 -9.79 4.17
CA HIS A 209 0.61 -10.71 3.09
C HIS A 209 -0.27 -10.05 2.02
N LYS A 210 -0.02 -10.43 0.77
CA LYS A 210 -0.83 -9.91 -0.34
CA LYS A 210 -0.82 -9.97 -0.36
C LYS A 210 -2.31 -10.20 -0.14
N LEU A 211 -3.14 -9.37 -0.77
CA LEU A 211 -4.60 -9.51 -0.74
C LEU A 211 -5.05 -10.47 -1.83
N SER A 212 -6.31 -10.88 -1.78
CA SER A 212 -6.85 -11.80 -2.78
C SER A 212 -8.34 -11.60 -2.92
N LYS A 213 -8.89 -11.98 -4.09
CA LYS A 213 -10.33 -11.93 -4.29
C LYS A 213 -11.05 -12.83 -3.31
N GLU A 214 -10.47 -13.98 -3.01
CA GLU A 214 -11.07 -14.95 -2.11
CA GLU A 214 -11.11 -14.93 -2.09
C GLU A 214 -11.18 -14.36 -0.68
N GLU A 215 -10.17 -13.65 -0.23
CA GLU A 215 -10.21 -13.11 1.17
C GLU A 215 -11.23 -11.94 1.29
N ALA A 216 -11.46 -11.27 0.15
CA ALA A 216 -12.41 -10.18 0.03
C ALA A 216 -13.89 -10.55 0.00
N ARG A 217 -14.23 -11.83 -0.24
CA ARG A 217 -15.56 -12.34 -0.07
C ARG A 217 -15.99 -12.13 1.40
N ILE A 218 -17.10 -11.44 1.62
CA ILE A 218 -17.55 -11.18 2.98
C ILE A 218 -18.02 -12.44 3.67
N ASN A 219 -17.52 -12.65 4.88
CA ASN A 219 -18.08 -13.66 5.79
C ASN A 219 -18.92 -12.96 6.84
N TRP A 220 -20.22 -13.15 6.77
CA TRP A 220 -21.16 -12.37 7.58
C TRP A 220 -21.06 -12.79 9.04
N SER A 221 -20.52 -13.96 9.31
CA SER A 221 -20.25 -14.39 10.68
CA SER A 221 -20.26 -14.40 10.68
C SER A 221 -19.09 -13.65 11.35
N ASP A 222 -18.29 -12.91 10.57
CA ASP A 222 -17.25 -12.03 11.15
C ASP A 222 -17.89 -10.87 11.90
N ALA A 223 -17.12 -10.21 12.74
CA ALA A 223 -17.58 -8.97 13.38
C ALA A 223 -17.78 -7.87 12.38
N ALA A 224 -18.82 -7.05 12.54
CA ALA A 224 -19.05 -5.91 11.60
C ALA A 224 -17.82 -4.99 11.54
N THR A 225 -17.16 -4.79 12.67
CA THR A 225 -15.95 -3.95 12.68
C THR A 225 -14.87 -4.48 11.76
N HIS A 226 -14.70 -5.80 11.73
CA HIS A 226 -13.71 -6.44 10.89
C HIS A 226 -14.10 -6.31 9.42
N ILE A 227 -15.39 -6.54 9.09
CA ILE A 227 -15.89 -6.39 7.69
C ILE A 227 -15.68 -4.96 7.21
N GLU A 228 -15.94 -4.01 8.08
CA GLU A 228 -15.84 -2.57 7.73
CA GLU A 228 -15.82 -2.57 7.71
C GLU A 228 -14.37 -2.18 7.44
N ARG A 229 -13.44 -2.70 8.23
CA ARG A 229 -12.01 -2.50 7.93
CA ARG A 229 -12.01 -2.52 7.95
C ARG A 229 -11.62 -3.14 6.62
N CYS A 230 -12.13 -4.32 6.34
CA CYS A 230 -11.92 -4.91 5.02
C CYS A 230 -12.43 -4.05 3.87
N ILE A 231 -13.63 -3.52 4.01
CA ILE A 231 -14.20 -2.69 3.00
C ILE A 231 -13.31 -1.51 2.64
N ARG A 232 -12.66 -0.90 3.63
CA ARG A 232 -11.72 0.19 3.38
C ARG A 232 -10.35 -0.28 2.89
N ALA A 233 -9.83 -1.36 3.48
CA ALA A 233 -8.52 -1.87 3.11
C ALA A 233 -8.47 -2.46 1.72
N PHE A 234 -9.58 -3.06 1.29
CA PHE A 234 -9.67 -3.76 0.06
C PHE A 234 -10.12 -2.85 -1.08
N ASN A 235 -10.20 -1.54 -0.78
CA ASN A 235 -10.43 -0.49 -1.80
C ASN A 235 -9.06 0.17 -2.04
N PRO A 236 -8.49 0.10 -3.26
CA PRO A 236 -9.15 -0.11 -4.53
C PRO A 236 -9.22 -1.52 -5.07
N TRP A 237 -8.51 -2.45 -4.47
CA TRP A 237 -8.44 -3.81 -4.98
C TRP A 237 -8.31 -4.81 -3.84
N PRO A 238 -9.08 -5.92 -3.88
CA PRO A 238 -10.04 -6.37 -4.89
C PRO A 238 -11.50 -5.87 -4.81
N MSE A 239 -11.77 -5.04 -3.81
CA MSE A 239 -13.09 -4.65 -3.31
C MSE A 239 -13.77 -5.79 -2.55
O MSE A 239 -13.99 -6.90 -3.09
CB MSE A 239 -14.04 -4.10 -4.38
CG MSE A 239 -13.49 -3.05 -5.34
SE MSE A 239 -12.99 -1.43 -4.43
CE MSE A 239 -14.75 -0.91 -3.92
N SER A 240 -14.21 -5.51 -1.33
CA SER A 240 -15.05 -6.44 -0.59
C SER A 240 -16.32 -6.73 -1.39
N HIS A 241 -16.81 -7.97 -1.34
CA HIS A 241 -17.96 -8.34 -2.10
C HIS A 241 -18.77 -9.41 -1.41
N PHE A 242 -20.07 -9.42 -1.71
CA PHE A 242 -20.96 -10.48 -1.28
C PHE A 242 -21.85 -10.95 -2.44
N GLU A 243 -22.64 -11.96 -2.15
CA GLU A 243 -23.45 -12.63 -3.18
C GLU A 243 -24.89 -12.51 -2.83
N VAL A 244 -25.69 -12.09 -3.80
CA VAL A 244 -27.12 -12.12 -3.65
C VAL A 244 -27.79 -12.36 -5.01
N ALA A 245 -28.94 -13.03 -4.97
CA ALA A 245 -29.56 -13.62 -6.16
C ALA A 245 -28.37 -14.36 -6.81
N GLU A 246 -28.03 -14.07 -8.06
CA GLU A 246 -26.87 -14.79 -8.56
C GLU A 246 -25.72 -13.84 -8.86
N ASN A 247 -25.52 -12.87 -7.98
CA ASN A 247 -24.68 -11.74 -8.32
C ASN A 247 -23.71 -11.33 -7.25
N SER A 248 -22.55 -10.87 -7.70
CA SER A 248 -21.45 -10.44 -6.85
C SER A 248 -21.45 -8.91 -6.74
N ILE A 249 -21.87 -8.42 -5.56
CA ILE A 249 -22.00 -6.99 -5.28
C ILE A 249 -20.74 -6.49 -4.54
N LYS A 250 -20.14 -5.42 -5.06
CA LYS A 250 -19.00 -4.83 -4.45
C LYS A 250 -19.44 -3.74 -3.48
N VAL A 251 -18.79 -3.74 -2.34
CA VAL A 251 -19.15 -2.79 -1.27
C VAL A 251 -18.10 -1.69 -1.29
N TRP A 252 -18.55 -0.48 -1.61
CA TRP A 252 -17.72 0.71 -1.59
C TRP A 252 -17.74 1.50 -0.31
N GLN A 253 -18.84 1.47 0.44
CA GLN A 253 -18.90 2.24 1.67
C GLN A 253 -19.85 1.60 2.63
N ALA A 254 -19.47 1.55 3.89
CA ALA A 254 -20.31 1.02 4.96
C ALA A 254 -19.94 1.69 6.28
N ARG A 255 -20.80 1.49 7.28
CA ARG A 255 -20.51 1.87 8.67
C ARG A 255 -20.99 0.79 9.63
N VAL A 256 -20.44 0.79 10.84
CA VAL A 256 -20.91 -0.13 11.87
C VAL A 256 -21.94 0.51 12.80
N GLU A 257 -23.00 -0.20 13.12
CA GLU A 257 -23.94 0.25 14.14
C GLU A 257 -23.78 -0.72 15.31
N THR A 258 -23.52 -0.16 16.48
CA THR A 258 -23.33 -0.97 17.69
C THR A 258 -24.74 -1.34 18.08
N ARG A 259 -25.03 -2.62 18.07
CA ARG A 259 -26.40 -3.11 18.18
CA ARG A 259 -26.40 -3.10 18.17
C ARG A 259 -26.27 -4.59 18.44
N ALA A 260 -26.82 -5.08 19.55
CA ALA A 260 -26.82 -6.49 19.82
C ALA A 260 -27.62 -7.20 18.71
N VAL A 261 -27.12 -8.32 18.24
CA VAL A 261 -27.70 -9.01 17.11
C VAL A 261 -28.50 -10.18 17.65
N THR A 262 -29.69 -10.40 17.11
CA THR A 262 -30.56 -11.49 17.52
C THR A 262 -30.97 -12.37 16.33
N GLN A 263 -30.43 -12.06 15.15
CA GLN A 263 -30.80 -12.75 13.93
CA GLN A 263 -30.78 -12.67 13.87
C GLN A 263 -29.55 -13.42 13.32
N THR A 264 -29.78 -14.40 12.46
CA THR A 264 -28.66 -15.11 11.78
C THR A 264 -27.78 -14.13 10.97
N PRO A 265 -26.47 -14.31 11.04
CA PRO A 265 -25.60 -13.37 10.32
C PRO A 265 -25.89 -13.39 8.85
N GLY A 266 -25.99 -12.18 8.29
CA GLY A 266 -26.38 -12.01 6.90
C GLY A 266 -27.82 -11.54 6.73
N THR A 267 -28.60 -11.59 7.80
CA THR A 267 -30.03 -11.19 7.74
C THR A 267 -30.16 -9.69 7.57
N ILE A 268 -31.00 -9.29 6.61
CA ILE A 268 -31.32 -7.89 6.44
C ILE A 268 -32.32 -7.48 7.50
N ILE A 269 -31.93 -6.51 8.34
CA ILE A 269 -32.74 -6.08 9.47
CA ILE A 269 -32.84 -6.13 9.41
C ILE A 269 -33.57 -4.85 9.10
N GLN A 270 -33.04 -4.04 8.20
CA GLN A 270 -33.59 -2.76 7.86
C GLN A 270 -33.04 -2.39 6.51
N ALA A 271 -33.87 -1.82 5.66
CA ALA A 271 -33.43 -1.43 4.30
C ALA A 271 -34.13 -0.16 3.86
N ASP A 272 -33.41 0.95 3.82
CA ASP A 272 -33.97 2.24 3.41
C ASP A 272 -32.85 3.14 3.01
N LYS A 273 -33.15 4.40 2.70
CA LYS A 273 -32.11 5.34 2.24
C LYS A 273 -30.93 5.51 3.19
N SER A 274 -31.15 5.29 4.50
CA SER A 274 -30.10 5.44 5.49
C SER A 274 -29.17 4.22 5.55
N GLY A 275 -29.55 3.12 4.92
CA GLY A 275 -28.70 1.95 4.91
C GLY A 275 -29.40 0.65 4.63
N ILE A 276 -28.62 -0.34 4.27
CA ILE A 276 -29.09 -1.70 4.26
C ILE A 276 -28.35 -2.33 5.42
N TYR A 277 -29.07 -2.67 6.46
CA TYR A 277 -28.53 -3.01 7.78
C TYR A 277 -28.51 -4.50 7.89
N VAL A 278 -27.33 -5.07 8.05
CA VAL A 278 -27.14 -6.49 7.96
C VAL A 278 -26.61 -7.03 9.29
N ALA A 279 -27.25 -8.06 9.84
CA ALA A 279 -26.73 -8.73 11.02
C ALA A 279 -25.39 -9.39 10.75
N THR A 280 -24.46 -9.31 11.70
CA THR A 280 -23.19 -9.99 11.55
C THR A 280 -22.91 -10.81 12.82
N GLY A 281 -21.71 -11.36 12.95
CA GLY A 281 -21.28 -12.07 14.19
C GLY A 281 -21.12 -11.12 15.39
N GLN A 282 -21.00 -9.81 15.15
CA GLN A 282 -20.98 -8.85 16.27
CA GLN A 282 -20.99 -8.84 16.26
C GLN A 282 -21.36 -7.49 15.70
N ASP A 283 -22.45 -6.94 16.20
CA ASP A 283 -22.95 -5.65 15.78
C ASP A 283 -23.51 -5.73 14.33
N VAL A 284 -23.94 -4.60 13.79
CA VAL A 284 -24.64 -4.55 12.51
C VAL A 284 -23.74 -3.80 11.53
N LEU A 285 -23.62 -4.34 10.33
CA LEU A 285 -22.93 -3.68 9.23
C LEU A 285 -23.96 -2.97 8.36
N VAL A 286 -23.79 -1.66 8.24
CA VAL A 286 -24.76 -0.86 7.47
C VAL A 286 -24.15 -0.55 6.07
N LEU A 287 -24.64 -1.21 5.03
CA LEU A 287 -24.14 -0.97 3.69
C LEU A 287 -24.64 0.42 3.23
N GLU A 288 -23.78 1.24 2.63
CA GLU A 288 -24.14 2.59 2.20
C GLU A 288 -23.97 2.86 0.69
N SER A 289 -22.95 2.25 0.08
CA SER A 289 -22.70 2.41 -1.31
C SER A 289 -22.29 1.05 -1.86
N LEU A 290 -22.99 0.60 -2.91
CA LEU A 290 -22.84 -0.73 -3.51
C LEU A 290 -22.73 -0.69 -5.03
N GLN A 291 -21.95 -1.63 -5.55
CA GLN A 291 -21.71 -1.75 -7.01
C GLN A 291 -22.25 -3.06 -7.52
N ILE A 292 -23.31 -2.92 -8.26
CA ILE A 292 -23.91 -3.96 -9.03
C ILE A 292 -23.04 -4.13 -10.32
N PRO A 293 -22.76 -5.37 -10.71
CA PRO A 293 -21.93 -5.63 -11.90
C PRO A 293 -22.43 -4.81 -13.11
N GLY A 294 -21.54 -4.04 -13.73
CA GLY A 294 -21.86 -3.26 -14.94
C GLY A 294 -21.87 -1.75 -14.68
N LYS A 295 -22.29 -1.38 -13.48
CA LYS A 295 -22.73 -0.03 -13.14
C LYS A 295 -21.79 0.63 -12.18
N LYS A 296 -21.81 1.97 -12.15
CA LYS A 296 -21.06 2.69 -11.13
C LYS A 296 -21.74 2.33 -9.83
N ALA A 297 -20.96 2.44 -8.78
CA ALA A 297 -21.42 2.35 -7.40
C ALA A 297 -22.53 3.39 -7.17
N LEU A 298 -23.58 2.96 -6.48
CA LEU A 298 -24.72 3.75 -6.17
C LEU A 298 -24.94 3.78 -4.63
N PRO A 299 -25.47 4.90 -4.09
CA PRO A 299 -26.07 4.96 -2.77
C PRO A 299 -27.12 3.91 -2.66
N VAL A 300 -27.30 3.30 -1.49
CA VAL A 300 -28.30 2.26 -1.34
C VAL A 300 -29.74 2.73 -1.62
N GLN A 301 -30.02 4.02 -1.45
CA GLN A 301 -31.36 4.57 -1.80
C GLN A 301 -31.70 4.22 -3.26
N ASP A 302 -30.74 4.43 -4.13
CA ASP A 302 -30.85 4.10 -5.56
C ASP A 302 -30.88 2.59 -5.83
N ILE A 303 -30.11 1.81 -5.08
CA ILE A 303 -30.10 0.34 -5.23
C ILE A 303 -31.46 -0.24 -4.86
N LEU A 304 -32.11 0.33 -3.85
CA LEU A 304 -33.39 -0.24 -3.36
C LEU A 304 -34.56 0.16 -4.29
N ASN A 305 -34.36 1.23 -5.04
CA ASN A 305 -35.30 1.59 -6.11
C ASN A 305 -35.24 0.47 -7.13
N ALA A 306 -34.06 0.31 -7.73
CA ALA A 306 -33.86 -0.65 -8.80
C ALA A 306 -34.29 -2.05 -8.34
N ARG A 307 -33.56 -2.58 -7.36
CA ARG A 307 -33.69 -4.00 -6.98
C ARG A 307 -34.08 -4.24 -5.53
N ALA A 308 -35.20 -3.64 -5.11
CA ALA A 308 -35.72 -3.81 -3.74
C ALA A 308 -35.90 -5.29 -3.36
N ASP A 309 -36.04 -6.13 -4.41
CA ASP A 309 -36.25 -7.57 -4.29
C ASP A 309 -35.06 -8.35 -3.76
N TRP A 310 -33.85 -7.90 -4.07
CA TRP A 310 -32.64 -8.57 -3.57
C TRP A 310 -32.39 -8.31 -2.06
N PHE A 311 -32.97 -7.23 -1.52
CA PHE A 311 -32.66 -6.73 -0.18
C PHE A 311 -33.86 -6.53 0.69
N SER A 312 -34.76 -7.52 0.69
CA SER A 312 -35.95 -7.42 1.46
C SER A 312 -35.62 -7.79 2.90
N VAL A 313 -36.26 -7.04 3.79
CA VAL A 313 -36.07 -7.19 5.20
C VAL A 313 -36.45 -8.62 5.58
N GLY A 314 -35.60 -9.27 6.35
CA GLY A 314 -35.83 -10.64 6.79
C GLY A 314 -35.13 -11.71 5.94
N SER A 315 -34.75 -11.35 4.72
CA SER A 315 -33.99 -12.21 3.83
C SER A 315 -32.53 -12.24 4.26
N GLN A 316 -31.78 -13.21 3.77
CA GLN A 316 -30.42 -13.51 4.25
C GLN A 316 -29.41 -13.40 3.09
N LEU A 317 -28.40 -12.56 3.25
CA LEU A 317 -27.36 -12.45 2.23
C LEU A 317 -26.40 -13.60 2.44
N SER A 318 -25.74 -14.00 1.35
CA SER A 318 -24.71 -15.06 1.37
CA SER A 318 -24.71 -15.05 1.44
C SER A 318 -23.34 -14.43 1.19
S SO4 B . 27.67 -1.55 -20.14
O1 SO4 B . 28.28 -1.77 -18.84
O2 SO4 B . 27.37 -2.82 -20.83
O3 SO4 B . 28.63 -0.83 -21.00
O4 SO4 B . 26.43 -0.80 -19.89
S SO4 C . 1.89 -14.03 0.24
O1 SO4 C . 2.41 -14.70 1.43
O2 SO4 C . 2.31 -14.70 -1.00
O3 SO4 C . 2.35 -12.64 0.30
O4 SO4 C . 0.42 -14.13 0.29
C1 GOL D . 3.86 0.93 -1.77
O1 GOL D . 4.49 0.70 -3.01
C2 GOL D . 4.57 -0.13 -0.95
O2 GOL D . 3.73 -1.25 -0.71
C3 GOL D . 5.30 0.51 0.22
O3 GOL D . 6.27 -0.30 0.84
#